data_1F0S
#
_entry.id   1F0S
#
_cell.length_a   55.660
_cell.length_b   71.580
_cell.length_c   78.700
_cell.angle_alpha   90.00
_cell.angle_beta   90.00
_cell.angle_gamma   90.00
#
_symmetry.space_group_name_H-M   'P 21 21 21'
#
loop_
_entity.id
_entity.type
_entity.pdbx_description
1 polymer 'COAGULATION FACTOR XA'
2 polymer 'COAGULATION FACTOR XA'
3 non-polymer 'CALCIUM ION'
4 non-polymer 'THIENO[3,2-B]PYRIDINE-2-SULFONIC ACID [2-OXO-1-(1H-PYRROLO[2,3-C]PYRIDIN-2-YLMETHYL)-PYRROLIDIN-3-YL]-AMIDE'
5 water water
#
loop_
_entity_poly.entity_id
_entity_poly.type
_entity_poly.pdbx_seq_one_letter_code
_entity_poly.pdbx_strand_id
1 'polypeptide(L)'
;IVGGQECKDGECPWQALLINEENEGFCGGTILSEFYILTAAHCLYQAKRFKVRVGDRNTEQEEGGEAVHEVEVVIKHNRF
TKETYDFDIAVLRLKTPITFRMNVAPACLPERDWAESTLMTQKTGIVSGFGRTHEKGRQSTRLKMLEVPYVDRNSCKLSS
SFIITQNMFCAGYDTKQEDACQGDSGGPHVTRFKDTYFVTGIVSWGEGCARKGKYGIYTKVTAFLKWIDRSMKTRGLPKA
KSHAPEVITSSPLK
;
A
2 'polypeptide(L)'
;EEMKKGHLERECMEETCSYEEAREVFEDSDKTNEFWNKYKDGDQCETSPCQNQGKCKDGLGEYTCTCLEGFEGKNCELFT
RKLCSLDNGDCDQFCHEEQNSVVCSCARGYTLADNGKACIPTGPYPCGKQTLER
;
B
#
loop_
_chem_comp.id
_chem_comp.type
_chem_comp.name
_chem_comp.formula
CA non-polymer 'CALCIUM ION' 'Ca 2'
PR2 non-polymer 'THIENO[3,2-B]PYRIDINE-2-SULFONIC ACID [2-OXO-1-(1H-PYRROLO[2,3-C]PYRIDIN-2-YLMETHYL)-PYRROLIDIN-3-YL]-AMIDE' 'C19 H17 N5 O3 S2'
#
# COMPACT_ATOMS: atom_id res chain seq x y z
N ILE A 1 -12.29 -5.33 -4.04
CA ILE A 1 -12.21 -5.91 -2.68
C ILE A 1 -13.47 -6.72 -2.36
N VAL A 2 -13.25 -7.98 -1.99
CA VAL A 2 -14.35 -8.86 -1.67
C VAL A 2 -14.66 -8.69 -0.19
N GLY A 3 -15.89 -8.29 0.11
CA GLY A 3 -16.25 -8.09 1.50
C GLY A 3 -15.70 -6.76 1.98
N GLY A 4 -15.39 -6.68 3.27
CA GLY A 4 -14.87 -5.45 3.83
C GLY A 4 -15.87 -4.33 3.74
N GLN A 5 -15.41 -3.11 4.01
CA GLN A 5 -16.28 -1.93 3.97
C GLN A 5 -15.74 -0.92 2.96
N GLU A 6 -16.55 0.09 2.64
CA GLU A 6 -16.08 1.12 1.73
C GLU A 6 -15.33 2.12 2.58
N CYS A 7 -14.31 2.74 2.01
CA CYS A 7 -13.54 3.72 2.74
C CYS A 7 -14.44 4.93 2.98
N LYS A 8 -14.51 5.39 4.22
CA LYS A 8 -15.30 6.56 4.52
C LYS A 8 -14.44 7.79 4.28
N ASP A 9 -15.06 8.96 4.22
CA ASP A 9 -14.36 10.21 3.98
C ASP A 9 -13.00 10.33 4.65
N GLY A 10 -11.95 10.47 3.83
CA GLY A 10 -10.60 10.64 4.36
C GLY A 10 -9.93 9.46 5.04
N GLU A 11 -10.48 8.26 4.85
CA GLU A 11 -9.94 7.05 5.47
C GLU A 11 -8.87 6.34 4.67
N CYS A 12 -8.86 6.52 3.36
CA CYS A 12 -7.88 5.88 2.49
C CYS A 12 -7.35 6.95 1.53
N PRO A 13 -6.81 8.04 2.07
CA PRO A 13 -6.29 9.14 1.25
C PRO A 13 -5.14 8.79 0.32
N TRP A 14 -4.39 7.76 0.67
CA TRP A 14 -3.23 7.34 -0.12
C TRP A 14 -3.61 6.48 -1.31
N GLN A 15 -4.88 6.18 -1.44
CA GLN A 15 -5.31 5.35 -2.55
C GLN A 15 -5.22 6.13 -3.87
N ALA A 16 -4.62 5.51 -4.87
CA ALA A 16 -4.49 6.11 -6.18
C ALA A 16 -5.10 5.09 -7.12
N LEU A 17 -5.52 5.53 -8.30
CA LEU A 17 -6.10 4.60 -9.27
C LEU A 17 -5.46 4.82 -10.62
N LEU A 18 -5.07 3.74 -11.28
CA LEU A 18 -4.47 3.84 -12.61
C LEU A 18 -5.65 3.65 -13.55
N ILE A 19 -5.88 4.64 -14.42
CA ILE A 19 -6.99 4.57 -15.36
C ILE A 19 -6.50 4.51 -16.82
N ASN A 20 -7.19 3.71 -17.64
CA ASN A 20 -6.84 3.56 -19.06
C ASN A 20 -7.44 4.63 -19.97
N GLU A 21 -7.15 4.54 -21.27
CA GLU A 21 -7.64 5.51 -22.26
C GLU A 21 -9.14 5.77 -22.20
N GLU A 22 -9.91 4.82 -21.71
CA GLU A 22 -11.36 4.97 -21.62
C GLU A 22 -11.81 5.40 -20.23
N ASN A 23 -10.85 5.80 -19.41
CA ASN A 23 -11.10 6.28 -18.05
C ASN A 23 -11.54 5.23 -17.02
N GLU A 24 -11.43 3.96 -17.37
CA GLU A 24 -11.80 2.89 -16.46
C GLU A 24 -10.56 2.49 -15.66
N GLY A 25 -10.72 2.27 -14.36
CA GLY A 25 -9.59 1.89 -13.55
C GLY A 25 -9.23 0.43 -13.78
N PHE A 26 -7.94 0.11 -13.82
CA PHE A 26 -7.55 -1.28 -14.04
C PHE A 26 -6.58 -1.79 -12.98
N CYS A 27 -6.01 -0.86 -12.21
CA CYS A 27 -5.10 -1.24 -11.15
C CYS A 27 -5.10 -0.13 -10.12
N GLY A 28 -4.48 -0.40 -8.98
CA GLY A 28 -4.41 0.59 -7.92
C GLY A 28 -3.01 1.12 -7.78
N GLY A 29 -2.85 2.01 -6.81
CA GLY A 29 -1.56 2.62 -6.55
C GLY A 29 -1.61 3.16 -5.15
N THR A 30 -0.44 3.55 -4.63
CA THR A 30 -0.33 4.10 -3.28
C THR A 30 0.43 5.41 -3.41
N ILE A 31 -0.13 6.48 -2.87
CA ILE A 31 0.55 7.76 -2.95
C ILE A 31 1.73 7.72 -1.98
N LEU A 32 2.94 7.86 -2.51
CA LEU A 32 4.15 7.85 -1.70
C LEU A 32 4.54 9.29 -1.38
N SER A 33 4.32 10.18 -2.34
CA SER A 33 4.63 11.60 -2.18
C SER A 33 3.94 12.42 -3.28
N GLU A 34 4.17 13.72 -3.30
CA GLU A 34 3.51 14.58 -4.28
C GLU A 34 3.84 14.22 -5.72
N PHE A 35 4.95 13.52 -5.93
CA PHE A 35 5.35 13.15 -7.28
C PHE A 35 5.38 11.67 -7.57
N TYR A 36 5.34 10.84 -6.52
CA TYR A 36 5.44 9.39 -6.72
C TYR A 36 4.30 8.49 -6.30
N ILE A 37 4.00 7.52 -7.17
CA ILE A 37 2.97 6.52 -6.94
C ILE A 37 3.61 5.15 -6.93
N LEU A 38 3.29 4.35 -5.92
CA LEU A 38 3.84 3.00 -5.83
C LEU A 38 2.79 2.04 -6.37
N THR A 39 3.15 1.29 -7.39
CA THR A 39 2.21 0.34 -7.96
C THR A 39 2.87 -1.02 -8.20
N ALA A 40 2.13 -1.91 -8.85
CA ALA A 40 2.59 -3.24 -9.19
C ALA A 40 3.16 -3.19 -10.59
N ALA A 41 4.37 -3.71 -10.77
CA ALA A 41 5.01 -3.71 -12.08
C ALA A 41 4.17 -4.44 -13.13
N HIS A 42 3.46 -5.49 -12.72
CA HIS A 42 2.63 -6.26 -13.63
C HIS A 42 1.42 -5.49 -14.17
N CYS A 43 1.13 -4.32 -13.60
CA CYS A 43 0.01 -3.52 -14.07
C CYS A 43 0.43 -2.71 -15.29
N LEU A 44 1.73 -2.42 -15.40
CA LEU A 44 2.25 -1.65 -16.51
C LEU A 44 2.07 -2.39 -17.83
N TYR A 45 1.61 -3.63 -17.72
CA TYR A 45 1.36 -4.46 -18.91
C TYR A 45 -0.15 -4.50 -19.16
N GLN A 46 -0.92 -4.05 -18.18
CA GLN A 46 -2.38 -4.04 -18.29
C GLN A 46 -2.89 -3.06 -19.34
N ALA A 47 -2.19 -1.95 -19.52
CA ALA A 47 -2.60 -0.93 -20.49
C ALA A 47 -1.43 -0.18 -21.15
N LYS A 48 -1.64 0.22 -22.40
CA LYS A 48 -0.64 0.93 -23.18
C LYS A 48 -0.44 2.34 -22.64
N ARG A 49 -1.52 3.12 -22.61
CA ARG A 49 -1.46 4.47 -22.09
C ARG A 49 -2.39 4.52 -20.88
N PHE A 50 -1.96 5.23 -19.84
CA PHE A 50 -2.77 5.35 -18.63
C PHE A 50 -2.36 6.55 -17.79
N LYS A 51 -3.22 6.92 -16.85
CA LYS A 51 -2.97 8.03 -15.97
C LYS A 51 -3.30 7.61 -14.55
N VAL A 52 -3.02 8.47 -13.59
CA VAL A 52 -3.29 8.18 -12.18
C VAL A 52 -4.30 9.16 -11.58
N ARG A 53 -5.42 8.63 -11.07
CA ARG A 53 -6.43 9.45 -10.44
C ARG A 53 -6.32 9.30 -8.94
N VAL A 54 -6.42 10.42 -8.22
CA VAL A 54 -6.36 10.40 -6.76
C VAL A 54 -7.57 11.12 -6.18
N GLY A 55 -7.79 10.95 -4.89
CA GLY A 55 -8.92 11.60 -4.24
C GLY A 55 -10.30 11.12 -4.66
N ASP A 56 -10.36 9.96 -5.30
CA ASP A 56 -11.62 9.39 -5.77
C ASP A 56 -12.20 8.36 -4.78
N ARG A 57 -13.51 8.42 -4.52
CA ARG A 57 -14.15 7.46 -3.62
C ARG A 57 -15.41 6.84 -4.24
N ASN A 58 -15.99 7.54 -5.21
CA ASN A 58 -17.20 7.08 -5.91
C ASN A 58 -17.05 7.47 -7.37
N THR A 59 -16.59 6.55 -8.20
CA THR A 59 -16.38 6.83 -9.62
C THR A 59 -17.65 7.21 -10.39
N GLU A 60 -18.75 7.38 -9.66
CA GLU A 60 -20.03 7.73 -10.27
C GLU A 60 -20.61 9.05 -9.77
N GLN A 61 -19.75 9.96 -9.34
CA GLN A 61 -20.20 11.26 -8.83
C GLN A 61 -18.98 12.09 -8.50
N GLU A 62 -18.63 13.01 -9.39
CA GLU A 62 -17.48 13.89 -9.18
C GLU A 62 -17.68 14.66 -7.88
N GLU A 63 -17.07 14.18 -6.80
CA GLU A 63 -17.18 14.79 -5.48
C GLU A 63 -16.30 16.03 -5.27
N GLY A 64 -15.43 16.33 -6.25
CA GLY A 64 -14.59 17.51 -6.14
C GLY A 64 -13.12 17.33 -5.84
N GLY A 65 -12.82 16.43 -4.91
CA GLY A 65 -11.43 16.19 -4.54
C GLY A 65 -10.62 15.39 -5.55
N GLU A 66 -11.29 14.84 -6.56
CA GLU A 66 -10.61 14.04 -7.58
C GLU A 66 -9.57 14.84 -8.35
N ALA A 67 -8.52 14.16 -8.78
CA ALA A 67 -7.46 14.79 -9.54
C ALA A 67 -6.78 13.72 -10.39
N VAL A 68 -6.78 13.95 -11.69
CA VAL A 68 -6.16 13.02 -12.64
C VAL A 68 -4.74 13.53 -12.89
N HIS A 69 -3.78 12.62 -12.90
CA HIS A 69 -2.39 13.00 -13.11
C HIS A 69 -1.70 12.16 -14.20
N GLU A 70 -1.01 12.83 -15.11
CA GLU A 70 -0.30 12.14 -16.17
C GLU A 70 0.98 11.58 -15.61
N VAL A 71 1.41 10.44 -16.15
CA VAL A 71 2.63 9.79 -15.72
C VAL A 71 3.79 10.30 -16.56
N GLU A 72 4.85 10.76 -15.91
CA GLU A 72 6.02 11.25 -16.61
C GLU A 72 7.02 10.11 -16.81
N VAL A 73 7.33 9.41 -15.72
CA VAL A 73 8.26 8.28 -15.78
C VAL A 73 7.64 7.04 -15.16
N VAL A 74 7.97 5.89 -15.72
CA VAL A 74 7.48 4.62 -15.21
C VAL A 74 8.74 3.86 -14.81
N ILE A 75 8.98 3.73 -13.50
CA ILE A 75 10.16 3.02 -13.02
C ILE A 75 9.82 1.61 -12.54
N LYS A 76 9.93 0.65 -13.46
CA LYS A 76 9.64 -0.76 -13.22
C LYS A 76 10.91 -1.42 -12.68
N HIS A 77 10.76 -2.45 -11.85
CA HIS A 77 11.92 -3.15 -11.30
C HIS A 77 12.63 -3.91 -12.42
N ASN A 78 13.94 -3.73 -12.54
CA ASN A 78 14.70 -4.42 -13.59
C ASN A 78 14.57 -5.95 -13.51
N ARG A 79 14.37 -6.47 -12.31
CA ARG A 79 14.26 -7.92 -12.11
C ARG A 79 12.85 -8.49 -12.10
N PHE A 80 11.85 -7.70 -12.48
CA PHE A 80 10.48 -8.21 -12.50
C PHE A 80 10.38 -9.34 -13.53
N THR A 81 9.67 -10.40 -13.16
CA THR A 81 9.50 -11.57 -14.04
C THR A 81 8.02 -11.90 -14.21
N LYS A 82 7.52 -11.74 -15.43
CA LYS A 82 6.12 -12.00 -15.72
C LYS A 82 5.59 -13.38 -15.33
N GLU A 83 6.29 -14.43 -15.75
CA GLU A 83 5.85 -15.81 -15.48
C GLU A 83 5.56 -16.20 -14.02
N THR A 84 6.21 -15.54 -13.07
CA THR A 84 6.03 -15.88 -11.66
C THR A 84 5.58 -14.74 -10.73
N TYR A 85 5.43 -13.54 -11.26
CA TYR A 85 5.01 -12.38 -10.47
C TYR A 85 6.07 -11.92 -9.47
N ASP A 86 7.30 -12.41 -9.61
CA ASP A 86 8.37 -12.03 -8.72
C ASP A 86 8.84 -10.61 -8.97
N PHE A 87 9.24 -9.91 -7.91
CA PHE A 87 9.70 -8.53 -8.04
C PHE A 87 8.59 -7.66 -8.65
N ASP A 88 7.37 -7.87 -8.19
CA ASP A 88 6.19 -7.14 -8.66
C ASP A 88 6.10 -5.77 -7.99
N ILE A 89 6.88 -4.81 -8.50
CA ILE A 89 6.91 -3.47 -7.94
C ILE A 89 7.33 -2.47 -9.01
N ALA A 90 6.72 -1.29 -8.98
CA ALA A 90 7.01 -0.23 -9.93
C ALA A 90 6.68 1.11 -9.28
N VAL A 91 7.43 2.13 -9.64
CA VAL A 91 7.21 3.45 -9.08
C VAL A 91 6.91 4.40 -10.25
N LEU A 92 5.96 5.30 -10.06
CA LEU A 92 5.57 6.26 -11.11
C LEU A 92 5.80 7.71 -10.73
N ARG A 93 6.57 8.43 -11.54
CA ARG A 93 6.77 9.86 -11.27
C ARG A 93 5.77 10.62 -12.13
N LEU A 94 5.00 11.49 -11.50
CA LEU A 94 3.97 12.26 -12.18
C LEU A 94 4.49 13.57 -12.75
N LYS A 95 3.92 14.00 -13.87
CA LYS A 95 4.32 15.25 -14.51
C LYS A 95 4.06 16.41 -13.55
N THR A 96 2.88 16.40 -12.92
CA THR A 96 2.51 17.46 -11.99
C THR A 96 2.33 16.92 -10.57
N PRO A 97 2.76 17.69 -9.56
CA PRO A 97 2.64 17.26 -8.16
C PRO A 97 1.21 17.13 -7.66
N ILE A 98 0.97 16.14 -6.81
CA ILE A 98 -0.36 15.92 -6.23
C ILE A 98 -0.52 16.93 -5.09
N THR A 99 -1.64 17.65 -5.08
CA THR A 99 -1.89 18.61 -4.00
C THR A 99 -2.68 17.87 -2.93
N PHE A 100 -2.06 17.69 -1.77
CA PHE A 100 -2.70 16.99 -0.67
C PHE A 100 -3.88 17.77 -0.13
N ARG A 101 -4.96 17.07 0.15
CA ARG A 101 -6.16 17.66 0.68
C ARG A 101 -7.02 16.54 1.22
N MET A 102 -8.28 16.81 1.48
CA MET A 102 -9.15 15.77 1.97
C MET A 102 -9.15 14.64 0.93
N ASN A 103 -8.99 13.41 1.40
CA ASN A 103 -8.95 12.21 0.56
C ASN A 103 -7.75 12.11 -0.41
N VAL A 104 -6.73 12.94 -0.17
CA VAL A 104 -5.51 12.93 -0.98
C VAL A 104 -4.34 13.21 -0.03
N ALA A 105 -3.68 12.14 0.40
CA ALA A 105 -2.53 12.24 1.32
C ALA A 105 -1.68 10.99 1.13
N PRO A 106 -0.36 11.07 1.42
CA PRO A 106 0.50 9.90 1.24
C PRO A 106 0.55 8.91 2.40
N ALA A 107 0.99 7.70 2.10
CA ALA A 107 1.16 6.67 3.12
C ALA A 107 2.62 6.81 3.50
N CYS A 108 2.96 6.50 4.75
CA CYS A 108 4.35 6.60 5.18
C CYS A 108 5.17 5.39 4.75
N LEU A 109 6.42 5.64 4.38
CA LEU A 109 7.32 4.57 4.00
C LEU A 109 8.02 4.23 5.30
N PRO A 110 8.00 2.95 5.70
CA PRO A 110 8.63 2.55 6.96
C PRO A 110 10.09 2.17 6.72
N GLU A 111 10.78 1.81 7.79
CA GLU A 111 12.16 1.38 7.70
C GLU A 111 12.06 -0.14 7.72
N ARG A 112 12.89 -0.81 6.92
CA ARG A 112 12.84 -2.27 6.82
C ARG A 112 12.82 -3.07 8.11
N ASP A 113 13.89 -3.00 8.89
CA ASP A 113 13.97 -3.76 10.14
C ASP A 113 12.76 -3.52 11.06
N TRP A 114 12.49 -2.26 11.37
CA TRP A 114 11.37 -1.92 12.24
C TRP A 114 10.04 -2.43 11.68
N ALA A 115 9.82 -2.23 10.38
CA ALA A 115 8.59 -2.69 9.74
C ALA A 115 8.41 -4.22 9.87
N GLU A 116 9.46 -4.98 9.53
CA GLU A 116 9.39 -6.43 9.60
C GLU A 116 9.21 -7.00 11.01
N SER A 117 9.84 -6.39 12.02
CA SER A 117 9.68 -6.89 13.38
C SER A 117 8.43 -6.37 14.07
N THR A 118 8.13 -5.09 13.86
CA THR A 118 6.98 -4.44 14.51
C THR A 118 5.72 -4.30 13.67
N LEU A 119 5.85 -3.86 12.43
CA LEU A 119 4.67 -3.68 11.58
C LEU A 119 4.08 -4.99 11.07
N MET A 120 4.90 -5.81 10.42
CA MET A 120 4.45 -7.08 9.87
C MET A 120 4.10 -8.17 10.90
N THR A 121 4.30 -7.89 12.18
CA THR A 121 3.96 -8.87 13.21
C THR A 121 2.66 -8.42 13.87
N GLN A 122 2.10 -7.33 13.36
CA GLN A 122 0.83 -6.82 13.86
C GLN A 122 -0.20 -7.86 13.49
N LYS A 123 -1.37 -7.80 14.12
CA LYS A 123 -2.40 -8.77 13.82
C LYS A 123 -2.85 -8.61 12.37
N THR A 124 -3.09 -7.37 11.96
CA THR A 124 -3.57 -7.14 10.60
C THR A 124 -3.01 -5.95 9.82
N GLY A 125 -3.35 -5.94 8.54
CA GLY A 125 -2.95 -4.87 7.64
C GLY A 125 -4.23 -4.40 6.95
N ILE A 126 -4.15 -3.40 6.08
CA ILE A 126 -5.33 -2.92 5.41
C ILE A 126 -5.13 -2.84 3.92
N VAL A 127 -5.94 -3.56 3.16
CA VAL A 127 -5.83 -3.55 1.72
C VAL A 127 -7.06 -2.82 1.18
N SER A 128 -6.91 -2.07 0.09
CA SER A 128 -8.04 -1.33 -0.44
C SER A 128 -8.01 -1.14 -1.96
N GLY A 129 -9.15 -0.79 -2.54
CA GLY A 129 -9.19 -0.59 -3.97
C GLY A 129 -10.58 -0.52 -4.59
N PHE A 130 -10.60 -0.38 -5.91
CA PHE A 130 -11.84 -0.31 -6.67
C PHE A 130 -12.04 -1.62 -7.44
N GLY A 131 -11.26 -2.64 -7.07
CA GLY A 131 -11.36 -3.94 -7.73
C GLY A 131 -12.63 -4.69 -7.47
N ARG A 132 -12.82 -5.77 -8.22
CA ARG A 132 -14.01 -6.61 -8.12
C ARG A 132 -14.45 -6.95 -6.71
N THR A 133 -15.76 -7.10 -6.52
CA THR A 133 -16.31 -7.44 -5.22
C THR A 133 -16.60 -8.94 -5.16
N HIS A 134 -16.46 -9.61 -6.30
CA HIS A 134 -16.69 -11.05 -6.42
C HIS A 134 -15.71 -11.59 -7.45
N GLU A 135 -15.25 -12.83 -7.24
CA GLU A 135 -14.29 -13.47 -8.14
C GLU A 135 -14.60 -13.26 -9.61
N LYS A 136 -15.87 -13.41 -9.97
CA LYS A 136 -16.29 -13.24 -11.35
C LYS A 136 -17.27 -12.08 -11.50
N GLY A 137 -17.11 -11.08 -10.64
CA GLY A 137 -17.99 -9.93 -10.68
C GLY A 137 -17.48 -8.76 -11.48
N ARG A 138 -18.05 -7.59 -11.21
CA ARG A 138 -17.65 -6.36 -11.89
C ARG A 138 -16.79 -5.55 -10.91
N GLN A 139 -15.99 -4.65 -11.47
CA GLN A 139 -15.13 -3.78 -10.67
C GLN A 139 -16.04 -3.00 -9.73
N SER A 140 -15.53 -2.55 -8.59
CA SER A 140 -16.35 -1.80 -7.66
C SER A 140 -16.39 -0.31 -7.99
N THR A 141 -17.56 0.29 -7.81
CA THR A 141 -17.77 1.71 -8.09
C THR A 141 -17.32 2.54 -6.90
N ARG A 142 -17.29 1.91 -5.73
CA ARG A 142 -16.88 2.59 -4.52
C ARG A 142 -15.56 2.03 -4.01
N LEU A 143 -14.72 2.92 -3.50
CA LEU A 143 -13.43 2.51 -2.97
C LEU A 143 -13.72 1.70 -1.72
N LYS A 144 -13.12 0.52 -1.62
CA LYS A 144 -13.35 -0.35 -0.48
C LYS A 144 -12.06 -0.63 0.29
N MET A 145 -12.20 -1.02 1.54
CA MET A 145 -11.05 -1.33 2.38
C MET A 145 -11.35 -2.59 3.17
N LEU A 146 -10.33 -3.43 3.36
CA LEU A 146 -10.47 -4.69 4.06
C LEU A 146 -9.31 -4.97 5.00
N GLU A 147 -9.63 -5.31 6.25
CA GLU A 147 -8.62 -5.65 7.22
C GLU A 147 -8.22 -7.11 6.96
N VAL A 148 -6.99 -7.33 6.55
CA VAL A 148 -6.53 -8.67 6.25
C VAL A 148 -5.40 -9.11 7.20
N PRO A 149 -5.63 -10.18 7.95
CA PRO A 149 -4.60 -10.66 8.89
C PRO A 149 -3.38 -11.12 8.12
N TYR A 150 -2.21 -10.97 8.74
CA TYR A 150 -0.99 -11.42 8.11
C TYR A 150 -1.00 -12.94 8.23
N VAL A 151 -0.58 -13.63 7.17
CA VAL A 151 -0.58 -15.09 7.20
C VAL A 151 0.83 -15.63 7.39
N ASP A 152 0.95 -16.65 8.25
CA ASP A 152 2.23 -17.27 8.52
C ASP A 152 2.84 -17.69 7.21
N ARG A 153 4.12 -17.40 7.04
CA ARG A 153 4.83 -17.70 5.81
C ARG A 153 4.74 -19.16 5.34
N ASN A 154 4.83 -20.09 6.28
CA ASN A 154 4.77 -21.48 5.94
C ASN A 154 3.37 -21.95 5.61
N SER A 155 2.38 -21.55 6.41
CA SER A 155 1.02 -21.95 6.15
C SER A 155 0.63 -21.38 4.80
N CYS A 156 1.26 -20.26 4.45
CA CYS A 156 0.98 -19.61 3.19
C CYS A 156 1.75 -20.29 2.05
N LYS A 157 3.02 -20.58 2.28
CA LYS A 157 3.82 -21.23 1.24
C LYS A 157 3.16 -22.56 0.88
N LEU A 158 2.65 -23.23 1.89
CA LEU A 158 1.99 -24.52 1.72
C LEU A 158 0.69 -24.41 0.92
N SER A 159 -0.12 -23.41 1.25
CA SER A 159 -1.42 -23.18 0.61
C SER A 159 -1.33 -22.85 -0.87
N SER A 160 -0.31 -22.10 -1.26
CA SER A 160 -0.14 -21.68 -2.64
C SER A 160 0.20 -22.79 -3.62
N SER A 161 -0.22 -22.62 -4.86
CA SER A 161 0.05 -23.58 -5.92
C SER A 161 1.26 -23.11 -6.72
N PHE A 162 1.69 -21.87 -6.48
CA PHE A 162 2.83 -21.31 -7.17
C PHE A 162 3.87 -20.83 -6.18
N ILE A 163 5.11 -20.70 -6.63
CA ILE A 163 6.21 -20.28 -5.75
C ILE A 163 6.04 -18.91 -5.09
N ILE A 164 6.14 -18.91 -3.76
CA ILE A 164 6.05 -17.70 -2.97
C ILE A 164 7.50 -17.30 -2.76
N THR A 165 7.99 -16.40 -3.60
CA THR A 165 9.36 -15.95 -3.50
C THR A 165 9.57 -15.13 -2.24
N GLN A 166 10.83 -14.79 -1.96
CA GLN A 166 11.17 -14.00 -0.78
C GLN A 166 10.71 -12.54 -0.95
N ASN A 167 10.19 -12.22 -2.12
CA ASN A 167 9.72 -10.88 -2.45
C ASN A 167 8.21 -10.72 -2.26
N MET A 168 7.56 -11.75 -1.71
CA MET A 168 6.13 -11.67 -1.50
C MET A 168 5.74 -12.23 -0.15
N PHE A 169 4.54 -11.90 0.30
CA PHE A 169 4.03 -12.39 1.57
C PHE A 169 2.54 -12.62 1.42
N CYS A 170 1.96 -13.31 2.39
CA CYS A 170 0.54 -13.64 2.35
C CYS A 170 -0.28 -12.91 3.41
N ALA A 171 -1.52 -12.60 3.07
CA ALA A 171 -2.42 -11.93 4.00
C ALA A 171 -3.84 -12.30 3.60
N GLY A 172 -4.75 -12.22 4.55
CA GLY A 172 -6.12 -12.55 4.26
C GLY A 172 -6.62 -13.66 5.14
N TYR A 173 -7.64 -14.36 4.67
CA TYR A 173 -8.26 -15.45 5.42
C TYR A 173 -8.11 -16.79 4.71
N ASP A 174 -8.30 -17.87 5.47
CA ASP A 174 -8.21 -19.20 4.90
C ASP A 174 -9.51 -19.50 4.16
N THR A 175 -10.63 -19.35 4.86
CA THR A 175 -11.92 -19.62 4.27
C THR A 175 -12.84 -18.41 4.18
N LYS A 176 -12.81 -17.55 5.20
CA LYS A 176 -13.65 -16.34 5.24
C LYS A 176 -13.69 -15.61 3.90
N GLN A 177 -14.90 -15.35 3.40
CA GLN A 177 -15.09 -14.67 2.13
C GLN A 177 -14.74 -13.19 2.15
N GLU A 178 -13.46 -12.91 2.35
CA GLU A 178 -12.97 -11.53 2.38
C GLU A 178 -11.59 -11.58 1.78
N ASP A 179 -11.32 -10.71 0.81
CA ASP A 179 -10.02 -10.71 0.16
C ASP A 179 -9.95 -9.71 -0.99
N ALA A 180 -8.74 -9.23 -1.29
CA ALA A 180 -8.59 -8.30 -2.39
C ALA A 180 -8.98 -9.10 -3.62
N CYS A 181 -8.87 -8.50 -4.80
CA CYS A 181 -9.24 -9.18 -6.02
C CYS A 181 -8.73 -8.43 -7.25
N GLN A 182 -9.05 -8.93 -8.43
CA GLN A 182 -8.61 -8.29 -9.67
C GLN A 182 -9.07 -6.83 -9.71
N GLY A 183 -8.19 -5.95 -10.13
CA GLY A 183 -8.54 -4.53 -10.19
C GLY A 183 -8.00 -3.78 -8.99
N ASP A 184 -7.75 -4.52 -7.91
CA ASP A 184 -7.20 -3.97 -6.69
C ASP A 184 -5.69 -4.01 -6.78
N SER A 185 -5.20 -4.82 -7.72
CA SER A 185 -3.77 -5.02 -7.96
C SER A 185 -2.98 -3.71 -8.06
N GLY A 186 -1.78 -3.71 -7.50
CA GLY A 186 -0.95 -2.52 -7.52
C GLY A 186 -1.36 -1.64 -6.35
N GLY A 187 -2.54 -1.93 -5.81
CA GLY A 187 -3.05 -1.16 -4.69
C GLY A 187 -2.26 -1.23 -3.41
N PRO A 188 -2.63 -0.42 -2.42
CA PRO A 188 -1.94 -0.39 -1.13
C PRO A 188 -2.29 -1.45 -0.09
N HIS A 189 -1.25 -1.83 0.66
CA HIS A 189 -1.40 -2.72 1.78
C HIS A 189 -0.70 -1.87 2.84
N VAL A 190 -1.44 -1.39 3.81
CA VAL A 190 -0.84 -0.57 4.84
C VAL A 190 -1.10 -1.17 6.21
N THR A 191 -0.18 -0.92 7.13
CA THR A 191 -0.32 -1.42 8.48
C THR A 191 -0.38 -0.22 9.38
N ARG A 192 -1.37 -0.22 10.25
CA ARG A 192 -1.56 0.88 11.17
C ARG A 192 -0.83 0.67 12.48
N PHE A 193 -0.08 1.69 12.89
CA PHE A 193 0.68 1.66 14.14
C PHE A 193 0.53 3.01 14.82
N LYS A 194 -0.23 3.02 15.91
CA LYS A 194 -0.47 4.23 16.67
C LYS A 194 -1.10 5.34 15.83
N ASP A 195 -2.15 5.00 15.08
CA ASP A 195 -2.86 5.97 14.26
C ASP A 195 -2.11 6.57 13.08
N THR A 196 -1.05 5.89 12.62
CA THR A 196 -0.28 6.35 11.47
C THR A 196 -0.10 5.10 10.61
N TYR A 197 -0.48 5.20 9.35
CA TYR A 197 -0.42 4.08 8.40
C TYR A 197 0.84 4.03 7.57
N PHE A 198 1.47 2.86 7.54
CA PHE A 198 2.71 2.64 6.80
C PHE A 198 2.49 1.64 5.70
N VAL A 199 3.00 1.94 4.51
CA VAL A 199 2.85 1.00 3.40
C VAL A 199 3.66 -0.27 3.71
N THR A 200 3.00 -1.43 3.66
CA THR A 200 3.66 -2.68 3.96
C THR A 200 3.59 -3.65 2.79
N GLY A 201 2.76 -3.36 1.80
CA GLY A 201 2.68 -4.26 0.68
C GLY A 201 1.99 -3.69 -0.53
N ILE A 202 2.11 -4.39 -1.65
CA ILE A 202 1.46 -4.00 -2.89
C ILE A 202 0.62 -5.19 -3.28
N VAL A 203 -0.67 -4.97 -3.51
CA VAL A 203 -1.53 -6.07 -3.92
C VAL A 203 -0.87 -6.65 -5.18
N SER A 204 -0.50 -7.92 -5.11
CA SER A 204 0.15 -8.58 -6.24
C SER A 204 -0.74 -9.56 -7.02
N TRP A 205 -1.09 -10.67 -6.38
CA TRP A 205 -1.91 -11.67 -7.04
C TRP A 205 -2.60 -12.59 -6.05
N GLY A 206 -3.25 -13.60 -6.58
CA GLY A 206 -3.94 -14.57 -5.76
C GLY A 206 -4.56 -15.62 -6.64
N GLU A 207 -4.86 -16.79 -6.09
CA GLU A 207 -5.48 -17.84 -6.87
C GLU A 207 -6.97 -17.58 -6.79
N GLY A 208 -7.47 -16.83 -7.75
CA GLY A 208 -8.88 -16.48 -7.73
C GLY A 208 -9.01 -15.34 -6.74
N CYS A 209 -10.09 -15.31 -5.98
CA CYS A 209 -10.31 -14.26 -5.00
C CYS A 209 -11.09 -14.76 -3.80
N ALA A 210 -10.45 -14.73 -2.63
CA ALA A 210 -11.09 -15.17 -1.38
C ALA A 210 -11.38 -16.66 -1.36
N ARG A 211 -10.70 -17.43 -2.22
CA ARG A 211 -10.90 -18.87 -2.26
C ARG A 211 -10.43 -19.53 -0.96
N LYS A 212 -11.05 -20.65 -0.60
CA LYS A 212 -10.69 -21.36 0.61
C LYS A 212 -9.33 -22.05 0.43
N GLY A 213 -8.52 -22.04 1.49
CA GLY A 213 -7.22 -22.66 1.42
C GLY A 213 -6.21 -21.83 0.65
N LYS A 214 -6.67 -20.69 0.11
CA LYS A 214 -5.84 -19.77 -0.64
C LYS A 214 -5.84 -18.40 0.02
N TYR A 215 -4.74 -17.66 -0.14
CA TYR A 215 -4.64 -16.33 0.45
C TYR A 215 -4.37 -15.22 -0.57
N GLY A 216 -4.15 -14.01 -0.07
CA GLY A 216 -3.84 -12.89 -0.93
C GLY A 216 -2.35 -12.70 -0.89
N ILE A 217 -1.71 -12.57 -2.05
CA ILE A 217 -0.27 -12.40 -2.07
C ILE A 217 0.12 -10.97 -2.41
N TYR A 218 0.96 -10.39 -1.57
CA TYR A 218 1.41 -9.03 -1.75
C TYR A 218 2.89 -8.98 -1.97
N THR A 219 3.33 -7.93 -2.66
CA THR A 219 4.74 -7.72 -2.88
C THR A 219 5.27 -7.23 -1.52
N LYS A 220 6.38 -7.79 -1.06
CA LYS A 220 6.94 -7.39 0.22
C LYS A 220 7.68 -6.08 0.11
N VAL A 221 6.95 -4.99 0.34
CA VAL A 221 7.50 -3.67 0.25
C VAL A 221 8.79 -3.50 1.06
N THR A 222 8.84 -4.09 2.25
CA THR A 222 10.03 -3.97 3.10
C THR A 222 11.30 -4.48 2.42
N ALA A 223 11.14 -5.31 1.39
CA ALA A 223 12.30 -5.87 0.69
C ALA A 223 12.79 -4.95 -0.44
N PHE A 224 12.04 -3.89 -0.69
CA PHE A 224 12.37 -2.95 -1.77
C PHE A 224 12.45 -1.50 -1.30
N LEU A 225 12.68 -1.28 -0.01
CA LEU A 225 12.74 0.07 0.52
C LEU A 225 13.91 0.88 -0.03
N LYS A 226 15.05 0.24 -0.19
CA LYS A 226 16.21 0.94 -0.73
C LYS A 226 15.92 1.27 -2.21
N TRP A 227 15.26 0.36 -2.90
CA TRP A 227 14.92 0.53 -4.31
C TRP A 227 13.95 1.71 -4.52
N ILE A 228 12.94 1.79 -3.66
CA ILE A 228 11.96 2.85 -3.74
C ILE A 228 12.61 4.20 -3.53
N ASP A 229 13.50 4.28 -2.55
CA ASP A 229 14.19 5.52 -2.23
C ASP A 229 15.01 6.03 -3.39
N ARG A 230 15.66 5.10 -4.10
CA ARG A 230 16.50 5.46 -5.23
C ARG A 230 15.64 5.85 -6.44
N SER A 231 14.49 5.20 -6.59
CA SER A 231 13.60 5.48 -7.71
C SER A 231 12.87 6.81 -7.54
N MET A 232 12.76 7.27 -6.30
CA MET A 232 12.09 8.53 -6.01
C MET A 232 13.08 9.68 -6.03
N LYS A 233 14.19 9.49 -6.73
CA LYS A 233 15.20 10.53 -6.84
C LYS A 233 15.70 10.57 -8.29
N THR A 234 15.10 9.71 -9.10
CA THR A 234 15.44 9.61 -10.52
C THR A 234 14.17 9.45 -11.33
N LEU B 83 13.95 -3.88 25.09
CA LEU B 83 14.13 -2.47 24.59
C LEU B 83 13.07 -2.15 23.54
N CYS B 84 13.45 -2.17 22.27
CA CYS B 84 12.48 -1.87 21.20
C CYS B 84 11.45 -2.98 21.11
N SER B 85 11.71 -4.09 21.80
CA SER B 85 10.79 -5.23 21.80
C SER B 85 9.75 -5.04 22.89
N LEU B 86 10.00 -4.05 23.75
CA LEU B 86 9.10 -3.72 24.85
C LEU B 86 8.31 -2.47 24.44
N ASP B 87 7.07 -2.68 24.01
CA ASP B 87 6.19 -1.58 23.59
C ASP B 87 6.84 -0.61 22.60
N ASN B 88 7.56 -1.13 21.63
CA ASN B 88 8.23 -0.31 20.62
C ASN B 88 9.21 0.70 21.21
N GLY B 89 9.70 0.43 22.40
CA GLY B 89 10.65 1.33 23.04
C GLY B 89 10.07 2.67 23.46
N ASP B 90 8.74 2.78 23.43
CA ASP B 90 8.02 4.00 23.79
C ASP B 90 8.06 5.00 22.65
N CYS B 91 8.56 4.56 21.50
CA CYS B 91 8.63 5.42 20.33
C CYS B 91 7.27 5.51 19.65
N ASP B 92 7.04 6.62 18.94
CA ASP B 92 5.79 6.79 18.23
C ASP B 92 5.90 5.98 16.95
N GLN B 93 7.09 5.96 16.37
CA GLN B 93 7.32 5.23 15.12
C GLN B 93 8.54 4.31 15.13
N PHE B 94 9.54 4.62 14.32
CA PHE B 94 10.73 3.79 14.24
C PHE B 94 11.48 3.64 15.55
N CYS B 95 11.94 2.42 15.82
CA CYS B 95 12.71 2.14 17.02
C CYS B 95 13.92 1.33 16.64
N HIS B 96 15.09 1.76 17.11
CA HIS B 96 16.34 1.07 16.83
C HIS B 96 17.09 0.96 18.14
N GLU B 97 17.74 -0.18 18.35
CA GLU B 97 18.51 -0.41 19.57
C GLU B 97 19.98 -0.15 19.30
N GLU B 98 20.47 1.02 19.70
CA GLU B 98 21.87 1.37 19.50
C GLU B 98 22.64 1.34 20.81
N GLN B 99 23.87 0.84 20.77
CA GLN B 99 24.73 0.75 21.95
C GLN B 99 23.95 0.34 23.19
N ASN B 100 23.12 -0.70 23.06
CA ASN B 100 22.34 -1.20 24.18
C ASN B 100 21.32 -0.19 24.72
N SER B 101 20.89 0.73 23.85
CA SER B 101 19.92 1.76 24.21
C SER B 101 18.83 1.83 23.14
N VAL B 102 17.76 2.55 23.42
CA VAL B 102 16.66 2.69 22.47
C VAL B 102 16.68 4.09 21.87
N VAL B 103 16.63 4.17 20.54
CA VAL B 103 16.61 5.47 19.88
C VAL B 103 15.42 5.51 18.93
N CYS B 104 14.61 6.56 19.06
CA CYS B 104 13.44 6.72 18.22
C CYS B 104 13.69 7.66 17.06
N SER B 105 12.94 7.46 15.99
CA SER B 105 13.06 8.28 14.81
C SER B 105 11.71 8.29 14.13
N CYS B 106 11.56 9.12 13.10
CA CYS B 106 10.28 9.23 12.43
C CYS B 106 10.39 9.19 10.92
N ALA B 107 9.25 9.01 10.27
CA ALA B 107 9.20 8.96 8.80
C ALA B 107 9.43 10.36 8.27
N ARG B 108 9.79 10.46 6.99
CA ARG B 108 10.02 11.75 6.35
C ARG B 108 8.74 12.57 6.48
N GLY B 109 8.87 13.81 6.95
CA GLY B 109 7.69 14.64 7.12
C GLY B 109 7.31 14.80 8.58
N TYR B 110 8.08 14.17 9.46
CA TYR B 110 7.85 14.26 10.90
C TYR B 110 9.15 14.68 11.58
N THR B 111 9.03 15.25 12.76
CA THR B 111 10.20 15.68 13.50
C THR B 111 10.12 15.06 14.89
N LEU B 112 11.23 14.48 15.33
CA LEU B 112 11.25 13.86 16.66
C LEU B 112 11.00 14.94 17.70
N ALA B 113 10.02 14.69 18.57
CA ALA B 113 9.69 15.63 19.63
C ALA B 113 10.89 15.82 20.55
N ASP B 114 10.80 16.79 21.46
CA ASP B 114 11.90 17.06 22.37
C ASP B 114 12.15 15.89 23.32
N ASN B 115 11.11 15.06 23.53
CA ASN B 115 11.25 13.90 24.40
C ASN B 115 11.87 12.72 23.65
N GLY B 116 12.40 12.99 22.46
CA GLY B 116 13.04 11.97 21.65
C GLY B 116 12.24 10.72 21.33
N LYS B 117 10.94 10.75 21.57
CA LYS B 117 10.10 9.58 21.30
C LYS B 117 8.98 9.88 20.32
N ALA B 118 8.21 10.91 20.64
CA ALA B 118 7.07 11.31 19.81
C ALA B 118 7.50 11.92 18.49
N CYS B 119 6.63 11.80 17.49
CA CYS B 119 6.92 12.32 16.18
C CYS B 119 5.94 13.44 15.87
N ILE B 120 6.45 14.63 15.59
CA ILE B 120 5.59 15.76 15.30
C ILE B 120 5.55 16.02 13.80
N PRO B 121 4.34 16.16 13.23
CA PRO B 121 4.25 16.40 11.78
C PRO B 121 4.92 17.73 11.42
N THR B 122 5.66 17.74 10.32
CA THR B 122 6.35 18.94 9.87
C THR B 122 5.35 19.95 9.30
N GLY B 123 4.44 19.49 8.45
CA GLY B 123 3.47 20.39 7.87
C GLY B 123 2.08 19.81 7.76
N PRO B 124 1.26 20.32 6.84
CA PRO B 124 -0.10 19.80 6.69
C PRO B 124 -0.12 18.51 5.86
N TYR B 125 -1.10 17.65 6.15
CA TYR B 125 -1.24 16.37 5.46
C TYR B 125 0.03 15.54 5.54
N PRO B 126 0.46 15.20 6.78
CA PRO B 126 1.67 14.39 6.93
C PRO B 126 1.35 12.96 6.49
N CYS B 127 2.37 12.21 6.09
CA CYS B 127 2.14 10.85 5.64
C CYS B 127 1.48 9.99 6.71
N GLY B 128 0.78 8.95 6.25
CA GLY B 128 0.15 8.01 7.15
C GLY B 128 -1.01 8.48 7.99
N LYS B 129 -1.50 9.68 7.74
CA LYS B 129 -2.63 10.19 8.52
C LYS B 129 -3.90 10.34 7.69
N GLN B 130 -5.01 9.80 8.20
CA GLN B 130 -6.29 9.92 7.51
C GLN B 130 -6.65 11.41 7.57
N THR B 131 -7.25 11.92 6.48
CA THR B 131 -7.62 13.32 6.40
C THR B 131 -8.97 13.67 7.06
N LEU B 132 -8.98 14.74 7.86
CA LEU B 132 -10.21 15.19 8.56
C LEU B 132 -10.79 16.52 8.10
N GLU B 133 -10.03 17.29 7.34
CA GLU B 133 -10.50 18.57 6.83
C GLU B 133 -9.87 18.84 5.47
CA CA C . -15.86 10.50 -7.49
C16 PR2 D . -0.17 -17.28 -10.29
C17 PR2 D . 1.03 -16.78 -9.72
C18 PR2 D . 2.27 -17.00 -10.43
C19 PR2 D . 2.21 -17.69 -11.68
N20 PR2 D . 1.03 -18.17 -12.20
C21 PR2 D . -0.17 -17.96 -11.51
C25 PR2 D . -1.43 -18.43 -11.99
C26 PR2 D . -2.40 -18.04 -11.02
S27 PR2 D . -1.75 -17.17 -9.69
N28 PR2 D . -5.90 -13.81 -10.87
C29 PR2 D . -6.00 -15.15 -10.65
C30 PR2 D . -4.65 -15.75 -10.95
C31 PR2 D . -3.92 -14.67 -11.75
C32 PR2 D . -4.57 -13.39 -11.32
N37 PR2 D . -4.76 -16.95 -11.77
S38 PR2 D . -4.08 -18.34 -11.25
O39 PR2 D . -4.35 -19.17 -12.38
O40 PR2 D . -4.70 -18.59 -9.98
O41 PR2 D . -7.00 -15.75 -10.26
C1 PR2 D . -6.95 -12.81 -10.68
C5 PR2 D . -6.55 -11.80 -7.20
C2 PR2 D . -5.96 -10.64 -7.83
C3 PR2 D . -5.44 -9.58 -7.04
C4 PR2 D . -5.53 -9.70 -5.62
N5 PR2 D . -6.11 -10.82 -5.06
C6 PR2 D . -6.61 -11.86 -5.77
C27 PR2 D . -6.02 -10.84 -9.22
C28 PR2 D . -6.64 -12.10 -9.38
N29 PR2 D . -6.95 -12.67 -8.20
#